data_5WDI
#
_entry.id   5WDI
#
_cell.length_a   77.507
_cell.length_b   113.115
_cell.length_c   60.994
_cell.angle_alpha   90.000
_cell.angle_beta   90.000
_cell.angle_gamma   90.000
#
_symmetry.space_group_name_H-M   'P 21 21 2'
#
loop_
_entity.id
_entity.type
_entity.pdbx_description
1 polymer 'Ubiquitin-associated and SH3 domain-containing protein A'
2 non-polymer 'SULFATE ION'
3 water water
#
_entity_poly.entity_id   1
_entity_poly.type   'polypeptide(L)'
_entity_poly.pdbx_seq_one_letter_code
;ARKSVLVVRHGERVDQIFGKAWLQQCSTPDGKYYRPDLNFPCSLPRRSRGIKDFENDPPLSSCGIFQSRIAGDALLDSGI
RISSVFASPALRCVQTAKLILEELKLEKKIKIRVEPGIFEWTKWEAGKTTPTLMSLEELKEANFNIDTDYRPAFPLSALM
PAESYQEYMDRCTASMVQIVNTCPQDTGVILIVSHGSTLDSCTRPLLGLPPRECGDFAQLVRKIPSLGMCFCEENKEEGK
WELVNPPVKTLTHGANAAFNWRNWI
;
_entity_poly.pdbx_strand_id   A,B
#
# COMPACT_ATOMS: atom_id res chain seq x y z
N ARG A 2 20.87 29.65 -14.64
CA ARG A 2 20.50 29.65 -13.18
C ARG A 2 20.46 28.22 -12.62
N LYS A 3 21.47 27.85 -11.84
CA LYS A 3 21.53 26.51 -11.26
C LYS A 3 20.21 26.14 -10.57
N SER A 4 19.82 24.88 -10.69
CA SER A 4 18.58 24.43 -10.07
C SER A 4 18.54 22.92 -9.81
N VAL A 5 17.60 22.53 -8.96
CA VAL A 5 17.36 21.14 -8.62
C VAL A 5 15.91 20.83 -8.94
N LEU A 6 15.71 19.84 -9.80
CA LEU A 6 14.38 19.36 -10.14
C LEU A 6 14.17 17.95 -9.58
N VAL A 7 13.29 17.83 -8.59
CA VAL A 7 12.99 16.51 -7.99
C VAL A 7 11.75 15.94 -8.63
N VAL A 8 11.83 14.67 -9.02
CA VAL A 8 10.78 14.02 -9.79
C VAL A 8 10.41 12.66 -9.21
N ARG A 9 9.12 12.44 -8.95
CA ARG A 9 8.65 11.14 -8.51
C ARG A 9 8.64 10.14 -9.67
N HIS A 10 9.07 8.91 -9.40
CA HIS A 10 9.01 7.82 -10.39
C HIS A 10 7.57 7.63 -10.90
N GLY A 11 7.46 6.97 -12.05
CA GLY A 11 6.16 6.62 -12.61
C GLY A 11 5.49 5.46 -11.88
N GLU A 12 4.25 5.19 -12.27
CA GLU A 12 3.47 4.10 -11.70
C GLU A 12 4.28 2.81 -11.62
N ARG A 13 4.30 2.23 -10.43
CA ARG A 13 4.99 0.97 -10.16
C ARG A 13 3.96 -0.17 -10.24
N VAL A 14 4.33 -1.28 -10.87
CA VAL A 14 3.39 -2.40 -11.10
C VAL A 14 2.64 -2.87 -9.85
N ASP A 15 3.30 -2.87 -8.70
CA ASP A 15 2.68 -3.39 -7.47
C ASP A 15 1.62 -2.46 -6.89
N GLN A 16 1.64 -1.20 -7.28
CA GLN A 16 0.61 -0.22 -6.91
C GLN A 16 -0.75 -0.69 -7.43
N ILE A 17 -0.75 -1.26 -8.65
CA ILE A 17 -1.97 -1.73 -9.32
C ILE A 17 -2.27 -3.19 -9.03
N PHE A 18 -1.23 -4.03 -9.13
CA PHE A 18 -1.41 -5.47 -9.04
C PHE A 18 -1.06 -6.08 -7.68
N GLY A 19 -0.83 -5.22 -6.68
CA GLY A 19 -0.67 -5.66 -5.28
C GLY A 19 0.70 -6.20 -4.91
N LYS A 20 0.86 -6.51 -3.64
CA LYS A 20 2.12 -7.01 -3.09
C LYS A 20 2.62 -8.36 -3.64
N ALA A 21 1.71 -9.18 -4.17
CA ALA A 21 2.07 -10.47 -4.77
C ALA A 21 2.09 -10.42 -6.31
N TRP A 22 2.37 -9.25 -6.87
CA TRP A 22 2.38 -9.08 -8.33
C TRP A 22 3.29 -10.08 -9.01
N LEU A 23 4.41 -10.39 -8.39
CA LEU A 23 5.41 -11.27 -8.98
C LEU A 23 4.88 -12.68 -9.14
N GLN A 24 4.09 -13.12 -8.16
CA GLN A 24 3.47 -14.43 -8.22
C GLN A 24 2.42 -14.52 -9.35
N GLN A 25 1.85 -13.38 -9.73
CA GLN A 25 0.88 -13.32 -10.83
C GLN A 25 1.57 -13.36 -12.20
N CYS A 26 2.85 -12.98 -12.25
CA CYS A 26 3.56 -12.89 -13.52
C CYS A 26 4.74 -13.86 -13.60
N SER A 27 4.72 -14.91 -12.76
CA SER A 27 5.78 -15.92 -12.74
C SER A 27 5.22 -17.33 -12.93
N THR A 28 5.89 -18.10 -13.77
CA THR A 28 5.61 -19.52 -13.96
C THR A 28 6.20 -20.34 -12.80
N PRO A 29 5.79 -21.62 -12.66
CA PRO A 29 6.36 -22.48 -11.60
C PRO A 29 7.89 -22.54 -11.59
N ASP A 30 8.50 -22.57 -12.77
CA ASP A 30 9.97 -22.63 -12.89
C ASP A 30 10.65 -21.25 -12.91
N GLY A 31 9.96 -20.24 -12.39
CA GLY A 31 10.55 -18.92 -12.17
C GLY A 31 10.79 -18.07 -13.41
N LYS A 32 9.93 -18.20 -14.42
CA LYS A 32 10.07 -17.42 -15.65
C LYS A 32 8.93 -16.40 -15.78
N TYR A 33 9.20 -15.32 -16.50
CA TYR A 33 8.30 -14.16 -16.53
C TYR A 33 7.28 -14.24 -17.66
N TYR A 34 6.07 -13.80 -17.39
CA TYR A 34 5.05 -13.59 -18.43
C TYR A 34 4.12 -12.46 -18.01
N ARG A 35 3.41 -11.89 -18.99
CA ARG A 35 2.52 -10.76 -18.75
C ARG A 35 1.05 -11.21 -18.72
N PRO A 36 0.45 -11.29 -17.53
CA PRO A 36 -0.99 -11.62 -17.47
C PRO A 36 -1.90 -10.44 -17.82
N ASP A 37 -1.31 -9.26 -17.98
CA ASP A 37 -2.04 -8.04 -18.30
C ASP A 37 -1.05 -7.10 -18.97
N LEU A 38 -1.53 -6.30 -19.93
CA LEU A 38 -0.66 -5.47 -20.74
C LEU A 38 0.07 -4.36 -19.99
N ASN A 39 -0.36 -4.09 -18.75
CA ASN A 39 0.28 -3.09 -17.93
C ASN A 39 1.51 -3.61 -17.18
N PHE A 40 1.67 -4.93 -17.19
CA PHE A 40 2.94 -5.52 -16.83
C PHE A 40 3.91 -5.16 -17.95
N PRO A 41 5.18 -4.87 -17.61
CA PRO A 41 6.13 -4.45 -18.63
C PRO A 41 6.46 -5.57 -19.63
N CYS A 42 6.86 -5.17 -20.83
CA CYS A 42 7.23 -6.11 -21.90
C CYS A 42 8.21 -7.15 -21.44
N SER A 43 9.16 -6.73 -20.61
CA SER A 43 10.20 -7.61 -20.11
C SER A 43 10.72 -7.13 -18.76
N LEU A 44 11.48 -7.99 -18.09
CA LEU A 44 12.18 -7.62 -16.87
C LEU A 44 13.67 -7.78 -17.12
N PRO A 45 14.47 -6.79 -16.69
CA PRO A 45 15.92 -6.88 -16.88
C PRO A 45 16.50 -8.07 -16.12
N ARG A 46 17.66 -8.56 -16.56
CA ARG A 46 18.26 -9.77 -15.95
C ARG A 46 18.96 -9.42 -14.63
N ARG A 47 18.74 -10.26 -13.62
CA ARG A 47 19.18 -10.02 -12.26
C ARG A 47 19.66 -11.33 -11.65
N SER A 48 20.50 -11.24 -10.61
CA SER A 48 21.26 -12.42 -10.10
C SER A 48 20.39 -13.66 -9.87
N ARG A 49 19.55 -13.61 -8.82
CA ARG A 49 18.76 -14.77 -8.42
C ARG A 49 17.49 -14.93 -9.28
N GLY A 50 17.67 -14.84 -10.60
CA GLY A 50 16.56 -14.88 -11.55
C GLY A 50 15.69 -13.65 -11.44
N ILE A 51 14.42 -13.85 -11.09
CA ILE A 51 13.46 -12.76 -10.95
C ILE A 51 12.93 -12.66 -9.51
N LYS A 52 13.54 -13.39 -8.59
CA LYS A 52 13.09 -13.43 -7.20
C LYS A 52 13.15 -12.05 -6.54
N ASP A 53 14.26 -11.34 -6.76
CA ASP A 53 14.54 -10.11 -6.03
C ASP A 53 13.76 -8.88 -6.50
N PHE A 54 13.01 -9.01 -7.59
CA PHE A 54 12.08 -7.96 -8.00
C PHE A 54 10.90 -7.77 -7.07
N GLU A 55 10.53 -8.81 -6.32
CA GLU A 55 9.33 -8.77 -5.47
C GLU A 55 9.17 -7.49 -4.65
N ASN A 56 10.25 -7.02 -4.04
CA ASN A 56 10.21 -5.78 -3.27
C ASN A 56 10.99 -4.63 -3.92
N ASP A 57 11.39 -4.82 -5.16
CA ASP A 57 12.06 -3.80 -5.96
C ASP A 57 11.40 -3.86 -7.34
N PRO A 58 10.09 -3.50 -7.40
CA PRO A 58 9.30 -3.73 -8.60
C PRO A 58 9.56 -2.70 -9.69
N PRO A 59 9.42 -3.11 -10.96
CA PRO A 59 9.61 -2.22 -12.07
C PRO A 59 8.43 -1.27 -12.29
N LEU A 60 8.60 -0.33 -13.21
CA LEU A 60 7.50 0.50 -13.67
C LEU A 60 6.51 -0.38 -14.41
N SER A 61 5.24 -0.05 -14.30
CA SER A 61 4.23 -0.63 -15.15
C SER A 61 4.35 0.01 -16.52
N SER A 62 3.64 -0.56 -17.50
CA SER A 62 3.55 0.04 -18.82
C SER A 62 3.04 1.48 -18.77
N CYS A 63 2.07 1.74 -17.90
CA CYS A 63 1.59 3.11 -17.69
C CYS A 63 2.70 4.02 -17.14
N GLY A 64 3.44 3.52 -16.16
CA GLY A 64 4.57 4.26 -15.59
C GLY A 64 5.64 4.61 -16.61
N ILE A 65 5.85 3.72 -17.58
CA ILE A 65 6.74 4.00 -18.71
C ILE A 65 6.16 5.15 -19.52
N PHE A 66 4.87 5.06 -19.83
CA PHE A 66 4.19 6.14 -20.58
C PHE A 66 4.33 7.50 -19.89
N GLN A 67 4.11 7.52 -18.59
CA GLN A 67 4.17 8.75 -17.82
C GLN A 67 5.58 9.34 -17.87
N SER A 68 6.58 8.48 -17.63
CA SER A 68 7.98 8.86 -17.69
C SER A 68 8.35 9.43 -19.06
N ARG A 69 7.91 8.78 -20.12
CA ARG A 69 8.22 9.21 -21.47
C ARG A 69 7.56 10.55 -21.82
N ILE A 70 6.32 10.76 -21.40
CA ILE A 70 5.63 11.97 -21.79
C ILE A 70 6.12 13.18 -20.99
N ALA A 71 6.59 12.94 -19.77
CA ALA A 71 7.20 14.01 -19.00
C ALA A 71 8.56 14.39 -19.59
N GLY A 72 9.34 13.38 -19.99
CA GLY A 72 10.65 13.62 -20.61
C GLY A 72 10.52 14.40 -21.92
N ASP A 73 9.50 14.05 -22.71
CA ASP A 73 9.18 14.77 -23.95
C ASP A 73 8.88 16.24 -23.69
N ALA A 74 8.13 16.51 -22.61
CA ALA A 74 7.79 17.88 -22.22
C ALA A 74 9.01 18.65 -21.73
N LEU A 75 9.92 17.96 -21.04
CA LEU A 75 11.18 18.56 -20.58
C LEU A 75 12.08 18.95 -21.74
N LEU A 76 12.11 18.12 -22.79
CA LEU A 76 12.82 18.46 -24.01
C LEU A 76 12.26 19.75 -24.62
N ASP A 77 10.93 19.83 -24.70
CA ASP A 77 10.27 20.96 -25.37
C ASP A 77 10.35 22.26 -24.57
N SER A 78 10.51 22.16 -23.26
CA SER A 78 10.67 23.33 -22.40
C SER A 78 12.01 24.00 -22.63
N GLY A 79 12.96 23.25 -23.17
CA GLY A 79 14.26 23.79 -23.52
C GLY A 79 15.28 23.89 -22.39
N ILE A 80 14.90 23.55 -21.15
CA ILE A 80 15.86 23.66 -20.04
C ILE A 80 17.01 22.67 -20.23
N ARG A 81 18.16 23.03 -19.67
CA ARG A 81 19.37 22.22 -19.81
C ARG A 81 19.55 21.37 -18.55
N ILE A 82 19.66 20.06 -18.74
CA ILE A 82 19.94 19.12 -17.66
C ILE A 82 21.43 18.87 -17.64
N SER A 83 22.10 19.25 -16.56
CA SER A 83 23.55 19.03 -16.43
C SER A 83 23.92 17.71 -15.74
N SER A 84 23.05 17.21 -14.86
CA SER A 84 23.32 15.93 -14.18
C SER A 84 22.04 15.25 -13.74
N VAL A 85 22.14 13.96 -13.44
CA VAL A 85 21.01 13.14 -13.03
C VAL A 85 21.40 12.22 -11.88
N PHE A 86 20.70 12.36 -10.75
CA PHE A 86 20.85 11.47 -9.62
C PHE A 86 19.58 10.63 -9.49
N ALA A 87 19.71 9.45 -8.90
CA ALA A 87 18.57 8.56 -8.77
C ALA A 87 18.64 7.74 -7.50
N SER A 88 17.49 7.50 -6.91
CA SER A 88 17.39 6.49 -5.86
C SER A 88 17.79 5.16 -6.49
N PRO A 89 18.39 4.26 -5.71
CA PRO A 89 18.74 2.94 -6.24
C PRO A 89 17.53 2.02 -6.53
N ALA A 90 16.32 2.46 -6.19
CA ALA A 90 15.11 1.71 -6.55
C ALA A 90 15.01 1.59 -8.06
N LEU A 91 14.66 0.40 -8.53
CA LEU A 91 14.61 0.10 -9.96
C LEU A 91 13.62 1.03 -10.66
N ARG A 92 12.45 1.21 -10.06
CA ARG A 92 11.44 2.15 -10.58
C ARG A 92 11.99 3.56 -10.81
N CYS A 93 12.88 4.02 -9.92
CA CYS A 93 13.47 5.36 -10.04
C CYS A 93 14.53 5.43 -11.13
N VAL A 94 15.36 4.40 -11.21
CA VAL A 94 16.44 4.34 -12.21
C VAL A 94 15.84 4.17 -13.61
N GLN A 95 14.81 3.34 -13.71
CA GLN A 95 14.04 3.21 -14.94
C GLN A 95 13.41 4.52 -15.38
N THR A 96 12.82 5.26 -14.44
CA THR A 96 12.26 6.57 -14.78
C THR A 96 13.36 7.54 -15.28
N ALA A 97 14.51 7.53 -14.59
CA ALA A 97 15.66 8.35 -15.01
C ALA A 97 16.08 8.07 -16.45
N LYS A 98 16.19 6.79 -16.78
CA LYS A 98 16.64 6.39 -18.10
C LYS A 98 15.68 6.83 -19.19
N LEU A 99 14.38 6.62 -18.96
CA LEU A 99 13.35 7.02 -19.92
C LEU A 99 13.32 8.52 -20.16
N ILE A 100 13.51 9.31 -19.12
CA ILE A 100 13.61 10.76 -19.29
C ILE A 100 14.83 11.12 -20.13
N LEU A 101 15.98 10.52 -19.81
CA LEU A 101 17.20 10.79 -20.55
C LEU A 101 17.06 10.45 -22.04
N GLU A 102 16.42 9.32 -22.35
CA GLU A 102 16.16 8.93 -23.73
C GLU A 102 15.37 10.01 -24.47
N GLU A 103 14.26 10.46 -23.89
CA GLU A 103 13.43 11.51 -24.54
C GLU A 103 14.16 12.85 -24.68
N LEU A 104 15.08 13.15 -23.77
CA LEU A 104 15.95 14.32 -23.89
C LEU A 104 17.10 14.10 -24.89
N LYS A 105 17.36 12.83 -25.24
CA LYS A 105 18.46 12.44 -26.12
C LYS A 105 19.82 12.66 -25.44
N LEU A 106 19.82 12.51 -24.12
CA LEU A 106 21.01 12.65 -23.31
C LEU A 106 21.44 11.33 -22.67
N GLU A 107 20.79 10.24 -23.08
CA GLU A 107 21.06 8.91 -22.51
C GLU A 107 22.54 8.49 -22.61
N LYS A 108 23.21 8.91 -23.69
CA LYS A 108 24.63 8.59 -23.89
C LYS A 108 25.57 9.65 -23.31
N LYS A 109 25.06 10.87 -23.14
CA LYS A 109 25.88 12.00 -22.68
C LYS A 109 25.94 12.15 -21.17
N ILE A 110 24.84 11.78 -20.50
CA ILE A 110 24.75 11.96 -19.06
C ILE A 110 24.58 10.63 -18.38
N LYS A 111 25.45 10.35 -17.43
CA LYS A 111 25.37 9.13 -16.64
C LYS A 111 24.50 9.36 -15.43
N ILE A 112 23.86 8.29 -14.99
CA ILE A 112 23.03 8.32 -13.81
C ILE A 112 23.89 8.07 -12.58
N ARG A 113 23.81 8.98 -11.62
CA ARG A 113 24.49 8.84 -10.34
C ARG A 113 23.52 8.25 -9.31
N VAL A 114 23.72 6.98 -8.97
CA VAL A 114 22.86 6.29 -8.01
C VAL A 114 23.29 6.65 -6.59
N GLU A 115 22.36 7.20 -5.81
CA GLU A 115 22.64 7.63 -4.44
C GLU A 115 21.72 6.91 -3.44
N PRO A 116 22.22 5.87 -2.76
CA PRO A 116 21.41 5.16 -1.76
C PRO A 116 20.96 6.03 -0.58
N GLY A 117 21.59 7.19 -0.38
CA GLY A 117 21.20 8.12 0.66
C GLY A 117 19.81 8.73 0.53
N ILE A 118 19.27 8.74 -0.69
CA ILE A 118 17.92 9.25 -0.95
C ILE A 118 16.94 8.11 -1.26
N PHE A 119 17.24 6.90 -0.80
CA PHE A 119 16.29 5.80 -0.94
C PHE A 119 15.09 6.07 -0.05
N GLU A 120 13.97 5.43 -0.36
CA GLU A 120 12.72 5.67 0.35
C GLU A 120 12.88 5.46 1.85
N TRP A 121 12.13 6.25 2.63
CA TRP A 121 12.01 6.06 4.08
C TRP A 121 11.75 4.57 4.35
N THR A 122 12.62 3.94 5.13
CA THR A 122 12.53 2.49 5.36
C THR A 122 11.25 2.08 6.11
N LYS A 123 10.65 3.03 6.82
CA LYS A 123 9.34 2.81 7.45
C LYS A 123 8.23 2.51 6.43
N TRP A 124 8.38 3.02 5.19
CA TRP A 124 7.40 2.81 4.13
C TRP A 124 7.76 1.67 3.16
N GLU A 125 8.71 0.83 3.53
CA GLU A 125 9.11 -0.31 2.67
C GLU A 125 8.60 -1.66 3.22
N ALA A 126 8.57 -2.65 2.33
CA ALA A 126 8.00 -3.98 2.61
C ALA A 126 8.17 -4.48 4.04
N GLY A 127 9.40 -4.83 4.43
CA GLY A 127 9.64 -5.37 5.77
C GLY A 127 10.05 -4.30 6.76
N LYS A 128 9.61 -3.06 6.53
CA LYS A 128 10.14 -1.91 7.24
C LYS A 128 11.67 -1.94 7.18
N THR A 129 12.20 -2.32 6.02
CA THR A 129 13.64 -2.54 5.83
C THR A 129 14.00 -2.37 4.34
N THR A 130 15.30 -2.30 4.04
CA THR A 130 15.76 -2.19 2.65
C THR A 130 15.69 -3.54 1.96
N PRO A 131 15.03 -3.60 0.78
CA PRO A 131 15.03 -4.85 0.04
C PRO A 131 16.35 -5.05 -0.69
N THR A 132 16.50 -6.23 -1.26
CA THR A 132 17.57 -6.47 -2.21
C THR A 132 17.31 -5.60 -3.44
N LEU A 133 18.29 -4.76 -3.78
CA LEU A 133 18.21 -3.91 -4.96
C LEU A 133 19.23 -4.40 -5.97
N MET A 134 19.12 -3.92 -7.20
CA MET A 134 20.05 -4.32 -8.25
C MET A 134 21.42 -3.68 -8.02
N SER A 135 22.47 -4.46 -8.25
CA SER A 135 23.82 -3.93 -8.24
C SER A 135 23.99 -3.00 -9.44
N LEU A 136 25.02 -2.15 -9.37
CA LEU A 136 25.37 -1.29 -10.49
C LEU A 136 25.90 -2.11 -11.66
N GLU A 137 26.52 -3.25 -11.34
CA GLU A 137 27.00 -4.15 -12.38
C GLU A 137 25.81 -4.72 -13.13
N GLU A 138 24.77 -5.10 -12.39
CA GLU A 138 23.53 -5.57 -13.00
C GLU A 138 22.82 -4.51 -13.85
N LEU A 139 22.84 -3.26 -13.42
CA LEU A 139 22.21 -2.17 -14.16
C LEU A 139 22.95 -1.87 -15.48
N LYS A 140 24.28 -1.93 -15.43
CA LYS A 140 25.08 -1.81 -16.65
C LYS A 140 24.76 -2.93 -17.62
N GLU A 141 24.63 -4.15 -17.10
CA GLU A 141 24.26 -5.31 -17.91
C GLU A 141 22.84 -5.20 -18.48
N ALA A 142 21.96 -4.49 -17.77
CA ALA A 142 20.62 -4.14 -18.28
C ALA A 142 20.62 -2.86 -19.13
N ASN A 143 21.81 -2.39 -19.51
CA ASN A 143 21.98 -1.27 -20.43
C ASN A 143 21.63 0.11 -19.83
N PHE A 144 21.81 0.24 -18.52
CA PHE A 144 21.69 1.55 -17.86
C PHE A 144 23.06 2.18 -17.83
N ASN A 145 23.15 3.44 -18.23
CA ASN A 145 24.42 4.17 -18.24
C ASN A 145 24.72 4.72 -16.86
N ILE A 146 25.30 3.88 -16.00
CA ILE A 146 25.59 4.24 -14.61
C ILE A 146 26.97 4.87 -14.47
N ASP A 147 27.07 5.85 -13.57
CA ASP A 147 28.33 6.47 -13.20
C ASP A 147 28.97 5.73 -12.02
N THR A 148 29.89 4.81 -12.33
CA THR A 148 30.53 4.01 -11.30
C THR A 148 31.65 4.74 -10.55
N ASP A 149 32.12 5.86 -11.08
CA ASP A 149 33.11 6.70 -10.39
C ASP A 149 32.48 7.55 -9.27
N TYR A 150 31.16 7.75 -9.32
CA TYR A 150 30.47 8.53 -8.28
C TYR A 150 30.60 7.87 -6.91
N ARG A 151 31.03 8.64 -5.92
CA ARG A 151 31.17 8.15 -4.56
C ARG A 151 29.98 8.65 -3.73
N PRO A 152 28.98 7.77 -3.48
CA PRO A 152 27.77 8.23 -2.81
C PRO A 152 27.96 8.50 -1.33
N ALA A 153 27.09 9.35 -0.80
CA ALA A 153 27.10 9.68 0.61
C ALA A 153 26.88 8.46 1.50
N PHE A 154 26.02 7.55 1.08
CA PHE A 154 25.69 6.37 1.87
C PHE A 154 25.74 5.11 1.04
N PRO A 155 26.16 3.99 1.67
CA PRO A 155 25.88 2.69 1.10
C PRO A 155 24.48 2.24 1.52
N LEU A 156 23.86 1.38 0.71
CA LEU A 156 22.53 0.86 1.03
C LEU A 156 22.47 0.18 2.40
N SER A 157 23.57 -0.45 2.78
CA SER A 157 23.67 -1.17 4.05
C SER A 157 23.61 -0.28 5.29
N ALA A 158 23.84 1.02 5.13
CA ALA A 158 23.75 1.94 6.25
C ALA A 158 22.31 2.32 6.60
N LEU A 159 21.36 2.00 5.71
CA LEU A 159 19.97 2.39 5.92
C LEU A 159 19.29 1.48 6.93
N MET A 160 18.88 2.07 8.05
CA MET A 160 18.34 1.30 9.18
C MET A 160 16.89 0.90 8.88
N PRO A 161 16.47 -0.29 9.34
CA PRO A 161 15.07 -0.68 9.17
C PRO A 161 14.19 0.03 10.20
N ALA A 162 13.05 0.55 9.76
CA ALA A 162 12.16 1.32 10.62
C ALA A 162 12.88 2.51 11.26
N GLU A 163 13.64 3.22 10.42
CA GLU A 163 14.29 4.44 10.86
C GLU A 163 13.24 5.49 11.17
N SER A 164 13.55 6.40 12.08
CA SER A 164 12.62 7.45 12.45
C SER A 164 12.52 8.47 11.33
N TYR A 165 11.42 9.18 11.32
CA TYR A 165 11.22 10.31 10.41
C TYR A 165 12.43 11.24 10.43
N GLN A 166 12.95 11.51 11.62
CA GLN A 166 14.08 12.42 11.77
C GLN A 166 15.36 11.86 11.15
N GLU A 167 15.58 10.56 11.33
CA GLU A 167 16.76 9.91 10.75
C GLU A 167 16.69 9.89 9.22
N TYR A 168 15.51 9.66 8.68
CA TYR A 168 15.31 9.68 7.22
C TYR A 168 15.63 11.06 6.67
N MET A 169 15.16 12.10 7.34
CA MET A 169 15.42 13.47 6.90
C MET A 169 16.90 13.82 7.00
N ASP A 170 17.55 13.37 8.08
CA ASP A 170 18.99 13.64 8.27
C ASP A 170 19.86 13.02 7.17
N ARG A 171 19.50 11.82 6.69
CA ARG A 171 20.28 11.18 5.62
C ARG A 171 20.01 11.77 4.23
N CYS A 172 18.80 12.27 3.99
CA CYS A 172 18.49 13.00 2.77
C CYS A 172 19.20 14.36 2.73
N THR A 173 19.25 15.03 3.87
CA THR A 173 19.99 16.28 4.01
C THR A 173 21.49 16.04 3.73
N ALA A 174 22.03 15.01 4.37
CA ALA A 174 23.44 14.67 4.23
C ALA A 174 23.77 14.27 2.80
N SER A 175 22.83 13.60 2.14
CA SER A 175 23.00 13.23 0.75
C SER A 175 22.97 14.45 -0.16
N MET A 176 22.13 15.43 0.15
CA MET A 176 22.05 16.66 -0.64
C MET A 176 23.29 17.56 -0.50
N VAL A 177 24.06 17.38 0.57
CA VAL A 177 25.35 18.05 0.68
C VAL A 177 26.24 17.50 -0.44
N GLN A 178 26.43 16.18 -0.44
CA GLN A 178 27.22 15.47 -1.45
C GLN A 178 26.77 15.76 -2.89
N ILE A 179 25.47 15.70 -3.13
CA ILE A 179 24.92 15.93 -4.48
C ILE A 179 25.32 17.30 -5.05
N VAL A 180 25.11 18.37 -4.28
CA VAL A 180 25.45 19.71 -4.73
C VAL A 180 26.96 19.87 -4.95
N ASN A 181 27.76 19.28 -4.07
CA ASN A 181 29.21 19.38 -4.22
C ASN A 181 29.79 18.59 -5.40
N THR A 182 29.05 17.58 -5.88
CA THR A 182 29.43 16.87 -7.10
C THR A 182 29.21 17.79 -8.30
N CYS A 183 30.31 18.19 -8.93
CA CYS A 183 30.31 19.23 -9.98
C CYS A 183 29.59 20.50 -9.52
N PRO A 184 30.25 21.32 -8.70
CA PRO A 184 29.65 22.51 -8.10
C PRO A 184 29.66 23.76 -8.99
N GLN A 185 30.61 23.82 -9.93
CA GLN A 185 30.70 24.95 -10.86
C GLN A 185 29.45 24.98 -11.73
N ASP A 186 29.10 23.81 -12.25
CA ASP A 186 27.89 23.60 -13.05
C ASP A 186 26.73 24.51 -12.70
N THR A 187 26.19 25.16 -13.72
CA THR A 187 24.84 25.65 -13.68
C THR A 187 24.00 24.53 -14.29
N GLY A 188 22.79 24.84 -14.71
CA GLY A 188 21.93 23.83 -15.30
C GLY A 188 21.13 23.10 -14.23
N VAL A 189 20.29 22.17 -14.68
CA VAL A 189 19.40 21.46 -13.79
C VAL A 189 20.07 20.17 -13.30
N ILE A 190 20.04 20.00 -11.98
CA ILE A 190 20.38 18.73 -11.36
C ILE A 190 19.08 17.96 -11.23
N LEU A 191 18.90 16.94 -12.09
CA LEU A 191 17.70 16.12 -12.05
C LEU A 191 17.87 15.05 -10.99
N ILE A 192 16.88 14.93 -10.11
CA ILE A 192 16.88 13.90 -9.08
C ILE A 192 15.58 13.12 -9.21
N VAL A 193 15.70 11.87 -9.65
CA VAL A 193 14.54 11.01 -9.86
C VAL A 193 14.48 10.06 -8.69
N SER A 194 13.42 10.14 -7.90
CA SER A 194 13.34 9.40 -6.65
C SER A 194 11.87 9.13 -6.27
N HIS A 195 11.53 9.24 -4.98
CA HIS A 195 10.20 8.90 -4.47
C HIS A 195 9.41 10.16 -4.11
N GLY A 196 8.15 9.99 -3.74
CA GLY A 196 7.31 11.12 -3.33
C GLY A 196 7.90 11.92 -2.19
N SER A 197 8.37 11.20 -1.17
CA SER A 197 8.94 11.82 0.02
C SER A 197 10.13 12.72 -0.32
N THR A 198 10.85 12.34 -1.37
CA THR A 198 12.03 13.07 -1.81
C THR A 198 11.75 14.50 -2.23
N LEU A 199 10.55 14.79 -2.72
CA LEU A 199 10.21 16.17 -3.10
C LEU A 199 10.35 17.11 -1.92
N ASP A 200 10.06 16.62 -0.71
CA ASP A 200 10.24 17.43 0.48
C ASP A 200 11.60 17.19 1.14
N SER A 201 12.02 15.93 1.24
CA SER A 201 13.22 15.60 2.01
C SER A 201 14.51 16.19 1.43
N CYS A 202 14.55 16.40 0.12
CA CYS A 202 15.74 16.94 -0.56
C CYS A 202 15.66 18.42 -0.93
N THR A 203 14.50 19.05 -0.80
CA THR A 203 14.38 20.50 -1.10
C THR A 203 14.39 21.38 0.15
N ARG A 204 13.79 20.89 1.21
CA ARG A 204 13.86 21.52 2.54
C ARG A 204 15.28 22.02 2.90
N PRO A 205 16.28 21.11 2.95
CA PRO A 205 17.63 21.57 3.30
C PRO A 205 18.22 22.63 2.36
N LEU A 206 17.88 22.57 1.07
CA LEU A 206 18.30 23.61 0.12
C LEU A 206 17.69 24.97 0.46
N LEU A 207 16.43 24.98 0.84
CA LEU A 207 15.74 26.22 1.19
C LEU A 207 16.14 26.79 2.56
N GLY A 208 17.01 26.08 3.28
CA GLY A 208 17.50 26.54 4.57
C GLY A 208 16.53 26.23 5.70
N LEU A 209 15.58 25.32 5.44
CA LEU A 209 14.51 25.03 6.39
C LEU A 209 14.75 23.68 7.07
N PRO A 210 14.26 23.52 8.30
CA PRO A 210 14.33 22.22 8.95
C PRO A 210 13.15 21.36 8.49
N PRO A 211 13.16 20.06 8.82
CA PRO A 211 12.07 19.23 8.36
C PRO A 211 10.71 19.72 8.84
N ARG A 212 9.68 19.54 8.03
CA ARG A 212 8.31 19.79 8.46
C ARG A 212 7.93 18.85 9.61
N GLU A 213 6.87 19.22 10.31
CA GLU A 213 6.21 18.30 11.23
C GLU A 213 5.78 17.10 10.39
N CYS A 214 5.97 15.88 10.90
CA CYS A 214 5.76 14.66 10.12
C CYS A 214 4.38 14.59 9.50
N GLY A 215 3.38 15.03 10.27
CA GLY A 215 2.00 15.13 9.80
C GLY A 215 1.83 15.95 8.54
N ASP A 216 2.39 17.16 8.53
CA ASP A 216 2.26 18.07 7.39
C ASP A 216 3.02 17.53 6.17
N PHE A 217 4.23 17.02 6.43
CA PHE A 217 5.00 16.28 5.43
C PHE A 217 4.15 15.19 4.78
N ALA A 218 3.50 14.38 5.62
CA ALA A 218 2.72 13.23 5.15
C ALA A 218 1.52 13.64 4.31
N GLN A 219 0.80 14.67 4.74
CA GLN A 219 -0.37 15.17 4.00
C GLN A 219 0.03 15.71 2.63
N LEU A 220 1.23 16.29 2.59
CA LEU A 220 1.75 16.90 1.38
C LEU A 220 2.19 15.83 0.39
N VAL A 221 2.73 14.74 0.91
CA VAL A 221 3.24 13.63 0.08
C VAL A 221 2.08 12.78 -0.48
N ARG A 222 1.01 12.59 0.29
CA ARG A 222 -0.23 11.95 -0.22
C ARG A 222 -0.66 12.49 -1.60
N LYS A 223 -0.43 13.78 -1.83
CA LYS A 223 -0.94 14.46 -3.02
C LYS A 223 0.01 14.49 -4.21
N ILE A 224 1.21 13.92 -4.07
CA ILE A 224 2.18 13.89 -5.16
C ILE A 224 1.83 12.74 -6.10
N PRO A 225 1.46 13.05 -7.35
CA PRO A 225 1.15 12.00 -8.31
C PRO A 225 2.42 11.45 -8.96
N SER A 226 2.26 10.39 -9.75
CA SER A 226 3.36 9.87 -10.54
C SER A 226 3.96 10.99 -11.37
N LEU A 227 5.29 11.04 -11.42
CA LEU A 227 6.03 12.12 -12.06
C LEU A 227 5.71 13.55 -11.59
N GLY A 228 5.27 13.67 -10.35
CA GLY A 228 5.14 14.98 -9.73
C GLY A 228 6.51 15.59 -9.53
N MET A 229 6.58 16.91 -9.54
CA MET A 229 7.86 17.61 -9.50
C MET A 229 7.91 18.72 -8.47
N CYS A 230 9.11 18.90 -7.92
CA CYS A 230 9.43 20.06 -7.09
C CYS A 230 10.69 20.71 -7.65
N PHE A 231 10.62 22.02 -7.93
CA PHE A 231 11.68 22.74 -8.65
C PHE A 231 12.24 23.89 -7.80
N CYS A 232 13.55 23.86 -7.54
CA CYS A 232 14.22 24.90 -6.74
C CYS A 232 15.35 25.55 -7.52
N GLU A 233 15.30 26.88 -7.63
CA GLU A 233 16.36 27.63 -8.29
C GLU A 233 17.26 28.30 -7.27
N GLU A 234 18.57 28.30 -7.55
CA GLU A 234 19.51 29.04 -6.72
C GLU A 234 19.61 30.46 -7.25
N ASN A 235 19.39 31.43 -6.37
CA ASN A 235 19.76 32.81 -6.63
C ASN A 235 21.24 32.97 -6.25
N LYS A 236 22.10 33.01 -7.26
CA LYS A 236 23.55 33.03 -7.04
C LYS A 236 24.00 34.26 -6.26
N GLU A 237 23.54 35.44 -6.70
CA GLU A 237 23.89 36.71 -6.06
C GLU A 237 23.56 36.72 -4.55
N GLU A 238 22.35 36.32 -4.20
CA GLU A 238 21.90 36.32 -2.78
C GLU A 238 22.27 35.06 -1.98
N GLY A 239 22.82 34.05 -2.66
CA GLY A 239 23.26 32.81 -2.00
C GLY A 239 22.09 32.09 -1.36
N LYS A 240 20.99 32.01 -2.10
CA LYS A 240 19.72 31.55 -1.56
C LYS A 240 18.95 30.75 -2.62
N TRP A 241 18.20 29.74 -2.19
CA TRP A 241 17.36 28.97 -3.09
C TRP A 241 15.89 29.27 -2.86
N GLU A 242 15.08 29.16 -3.92
CA GLU A 242 13.65 29.44 -3.87
C GLU A 242 12.89 28.39 -4.66
N LEU A 243 11.70 28.03 -4.17
CA LEU A 243 10.80 27.17 -4.94
C LEU A 243 10.21 27.92 -6.13
N VAL A 244 10.04 27.19 -7.23
CA VAL A 244 9.59 27.77 -8.47
C VAL A 244 8.61 26.82 -9.18
N ASN A 245 7.74 27.40 -10.00
CA ASN A 245 6.88 26.64 -10.89
C ASN A 245 7.70 25.64 -11.73
N PRO A 246 7.37 24.34 -11.66
CA PRO A 246 8.12 23.35 -12.43
C PRO A 246 8.10 23.63 -13.93
N PRO A 247 9.15 23.22 -14.64
CA PRO A 247 9.31 23.60 -16.04
C PRO A 247 8.35 22.89 -16.99
N VAL A 248 7.59 21.91 -16.48
CA VAL A 248 6.52 21.27 -17.26
C VAL A 248 5.20 21.19 -16.49
N LYS A 249 4.13 21.02 -17.25
CA LYS A 249 2.78 20.96 -16.69
C LYS A 249 2.51 19.64 -15.98
N THR A 250 1.38 19.61 -15.28
CA THR A 250 0.87 18.41 -14.62
C THR A 250 0.46 17.35 -15.65
N LEU A 251 0.25 16.12 -15.18
CA LEU A 251 -0.23 15.03 -16.02
C LEU A 251 -1.41 14.34 -15.36
N THR A 252 -2.60 14.55 -15.93
CA THR A 252 -3.84 14.13 -15.31
C THR A 252 -4.61 13.20 -16.24
N HIS A 253 -4.79 11.94 -15.83
CA HIS A 253 -5.53 10.97 -16.62
C HIS A 253 -6.31 9.96 -15.79
N GLY A 254 -7.20 9.24 -16.47
CA GLY A 254 -8.07 8.26 -15.82
C GLY A 254 -7.42 6.91 -15.63
N ALA A 255 -8.04 6.08 -14.82
CA ALA A 255 -7.64 4.69 -14.66
C ALA A 255 -8.18 3.87 -15.82
N ASN A 256 -7.85 2.58 -15.84
CA ASN A 256 -8.46 1.66 -16.77
C ASN A 256 -8.67 0.32 -16.08
N ALA A 257 -9.93 -0.08 -15.95
CA ALA A 257 -10.27 -1.31 -15.25
C ALA A 257 -10.10 -2.53 -16.15
N ALA A 258 -9.98 -3.71 -15.54
CA ALA A 258 -10.01 -4.96 -16.29
C ALA A 258 -11.44 -5.30 -16.67
N PHE A 259 -11.59 -6.15 -17.68
CA PHE A 259 -12.90 -6.67 -18.08
C PHE A 259 -12.80 -8.17 -18.32
N ASN A 260 -13.88 -8.87 -18.00
CA ASN A 260 -13.96 -10.31 -18.19
C ASN A 260 -14.86 -10.61 -19.38
N TRP A 261 -14.24 -11.03 -20.48
CA TRP A 261 -14.96 -11.29 -21.73
C TRP A 261 -16.05 -12.36 -21.63
N ARG A 262 -15.95 -13.21 -20.61
CA ARG A 262 -16.92 -14.30 -20.41
C ARG A 262 -18.32 -13.76 -20.05
N ASN A 263 -18.37 -12.57 -19.44
CA ASN A 263 -19.63 -11.89 -19.17
C ASN A 263 -20.56 -11.79 -20.38
N TRP A 264 -19.97 -11.65 -21.56
CA TRP A 264 -20.71 -11.56 -22.83
C TRP A 264 -21.41 -12.87 -23.19
N ILE A 265 -20.92 -13.99 -22.68
CA ILE A 265 -21.54 -15.30 -22.86
C ILE A 265 -22.64 -15.50 -21.83
N ALA B 1 -33.85 -24.25 5.17
CA ALA B 1 -32.95 -23.16 5.69
C ALA B 1 -31.63 -23.75 6.19
N ARG B 2 -30.63 -23.77 5.29
CA ARG B 2 -29.39 -24.51 5.51
C ARG B 2 -28.41 -23.82 6.45
N LYS B 3 -27.43 -24.59 6.93
CA LYS B 3 -26.25 -24.05 7.59
C LYS B 3 -25.37 -23.42 6.52
N SER B 4 -24.65 -22.36 6.88
CA SER B 4 -23.86 -21.63 5.89
C SER B 4 -22.77 -20.74 6.49
N VAL B 5 -21.88 -20.28 5.63
CA VAL B 5 -20.82 -19.37 6.01
C VAL B 5 -20.80 -18.16 5.07
N LEU B 6 -21.04 -16.97 5.63
CA LEU B 6 -20.95 -15.71 4.89
C LEU B 6 -19.65 -14.98 5.27
N VAL B 7 -18.74 -14.88 4.32
CA VAL B 7 -17.46 -14.20 4.54
C VAL B 7 -17.53 -12.81 3.95
N VAL B 8 -17.19 -11.80 4.75
CA VAL B 8 -17.35 -10.41 4.37
C VAL B 8 -16.05 -9.65 4.61
N ARG B 9 -15.62 -8.88 3.61
CA ARG B 9 -14.46 -8.04 3.76
C ARG B 9 -14.81 -6.76 4.51
N HIS B 10 -13.93 -6.33 5.40
CA HIS B 10 -14.08 -5.07 6.13
C HIS B 10 -14.24 -3.90 5.18
N GLY B 11 -14.86 -2.83 5.64
CA GLY B 11 -14.98 -1.60 4.86
C GLY B 11 -13.67 -0.84 4.73
N GLU B 12 -13.73 0.26 4.00
CA GLU B 12 -12.56 1.12 3.75
C GLU B 12 -11.83 1.49 5.04
N ARG B 13 -10.54 1.20 5.07
CA ARG B 13 -9.64 1.57 6.16
C ARG B 13 -8.97 2.92 5.86
N VAL B 14 -8.92 3.80 6.87
CA VAL B 14 -8.40 5.17 6.70
C VAL B 14 -7.05 5.28 6.02
N ASP B 15 -6.13 4.36 6.33
CA ASP B 15 -4.79 4.41 5.77
C ASP B 15 -4.70 4.10 4.27
N GLN B 16 -5.72 3.46 3.69
CA GLN B 16 -5.76 3.21 2.24
C GLN B 16 -5.93 4.50 1.46
N ILE B 17 -6.52 5.51 2.11
CA ILE B 17 -6.71 6.83 1.53
C ILE B 17 -5.65 7.81 1.97
N PHE B 18 -5.29 7.79 3.25
CA PHE B 18 -4.40 8.79 3.81
C PHE B 18 -2.97 8.29 4.06
N GLY B 19 -2.66 7.08 3.57
CA GLY B 19 -1.30 6.57 3.60
C GLY B 19 -0.83 6.05 4.95
N LYS B 20 0.42 5.58 4.96
CA LYS B 20 1.01 4.91 6.13
C LYS B 20 1.17 5.82 7.35
N ALA B 21 1.34 7.12 7.11
CA ALA B 21 1.45 8.09 8.20
C ALA B 21 0.13 8.82 8.50
N TRP B 22 -0.98 8.13 8.29
CA TRP B 22 -2.30 8.67 8.58
C TRP B 22 -2.42 9.13 10.04
N LEU B 23 -1.79 8.40 10.97
CA LEU B 23 -1.88 8.74 12.38
C LEU B 23 -1.26 10.10 12.70
N GLN B 24 -0.17 10.41 12.02
CA GLN B 24 0.51 11.68 12.25
C GLN B 24 -0.28 12.87 11.69
N GLN B 25 -1.22 12.60 10.78
CA GLN B 25 -2.03 13.65 10.19
C GLN B 25 -3.24 14.00 11.05
N CYS B 26 -3.66 13.08 11.90
CA CYS B 26 -4.79 13.31 12.79
C CYS B 26 -4.38 13.30 14.26
N SER B 27 -3.11 13.56 14.54
CA SER B 27 -2.58 13.61 15.89
C SER B 27 -1.95 14.96 16.17
N THR B 28 -2.24 15.50 17.35
CA THR B 28 -1.58 16.72 17.82
C THR B 28 -0.24 16.34 18.43
N PRO B 29 0.66 17.32 18.60
CA PRO B 29 1.95 17.10 19.26
C PRO B 29 1.87 16.42 20.64
N ASP B 30 0.77 16.65 21.36
CA ASP B 30 0.56 16.06 22.68
C ASP B 30 -0.34 14.80 22.65
N GLY B 31 -0.60 14.26 21.45
CA GLY B 31 -1.25 12.96 21.31
C GLY B 31 -2.78 12.92 21.30
N LYS B 32 -3.43 14.06 21.15
CA LYS B 32 -4.91 14.07 21.02
C LYS B 32 -5.31 13.91 19.55
N TYR B 33 -6.52 13.40 19.34
CA TYR B 33 -7.04 13.12 18.00
C TYR B 33 -7.89 14.28 17.45
N TYR B 34 -7.68 14.62 16.18
CA TYR B 34 -8.54 15.57 15.47
C TYR B 34 -8.76 15.09 14.03
N ARG B 35 -9.76 15.65 13.37
CA ARG B 35 -10.13 15.21 12.02
C ARG B 35 -9.71 16.24 10.99
N PRO B 36 -8.58 16.00 10.29
CA PRO B 36 -8.17 16.93 9.25
C PRO B 36 -9.06 16.88 8.00
N ASP B 37 -9.70 15.74 7.78
CA ASP B 37 -10.63 15.52 6.65
C ASP B 37 -11.82 14.78 7.24
N LEU B 38 -13.00 14.96 6.67
CA LEU B 38 -14.22 14.34 7.21
C LEU B 38 -14.25 12.81 7.06
N ASN B 39 -13.39 12.27 6.21
CA ASN B 39 -13.31 10.83 6.07
C ASN B 39 -12.55 10.14 7.22
N PHE B 40 -11.87 10.93 8.05
CA PHE B 40 -11.37 10.41 9.31
C PHE B 40 -12.60 10.22 10.17
N PRO B 41 -12.69 9.09 10.89
CA PRO B 41 -13.90 8.81 11.65
C PRO B 41 -14.16 9.84 12.76
N CYS B 42 -15.39 9.88 13.25
CA CYS B 42 -15.80 10.78 14.32
C CYS B 42 -14.86 10.75 15.50
N SER B 43 -14.49 9.54 15.90
CA SER B 43 -13.52 9.36 16.98
C SER B 43 -12.79 8.05 16.81
N LEU B 44 -11.64 7.94 17.47
CA LEU B 44 -11.02 6.66 17.67
C LEU B 44 -11.71 5.95 18.83
N PRO B 45 -11.59 4.62 18.91
CA PRO B 45 -12.20 3.92 20.04
C PRO B 45 -11.55 4.28 21.37
N ARG B 46 -12.37 4.41 22.41
CA ARG B 46 -11.87 4.68 23.75
C ARG B 46 -10.81 3.66 24.10
N ARG B 47 -9.56 4.09 24.10
CA ARG B 47 -8.44 3.28 24.55
C ARG B 47 -7.67 4.12 25.55
N SER B 48 -7.25 3.49 26.65
CA SER B 48 -6.59 4.19 27.75
C SER B 48 -5.07 4.23 27.57
N ARG B 49 -4.51 3.20 26.94
CA ARG B 49 -3.06 3.13 26.70
C ARG B 49 -2.54 4.17 25.71
N GLY B 50 -3.45 4.81 24.98
CA GLY B 50 -3.07 5.86 24.04
C GLY B 50 -3.27 5.43 22.60
N ILE B 51 -3.12 6.40 21.70
CA ILE B 51 -3.39 6.20 20.27
C ILE B 51 -2.24 5.57 19.47
N LYS B 52 -1.04 5.52 20.06
CA LYS B 52 0.16 5.07 19.35
C LYS B 52 -0.04 3.75 18.59
N ASP B 53 -0.71 2.80 19.23
CA ASP B 53 -0.83 1.44 18.67
C ASP B 53 -1.72 1.34 17.42
N PHE B 54 -2.63 2.28 17.25
CA PHE B 54 -3.49 2.32 16.06
C PHE B 54 -2.73 2.43 14.74
N GLU B 55 -1.50 2.95 14.77
CA GLU B 55 -0.73 3.21 13.56
C GLU B 55 -0.81 2.10 12.52
N ASN B 56 -0.59 0.85 12.96
CA ASN B 56 -0.62 -0.31 12.07
C ASN B 56 -1.83 -1.22 12.31
N ASP B 57 -2.85 -0.67 12.97
CA ASP B 57 -4.12 -1.35 13.20
C ASP B 57 -5.24 -0.33 12.98
N PRO B 58 -5.29 0.26 11.76
CA PRO B 58 -6.10 1.44 11.49
C PRO B 58 -7.60 1.18 11.45
N PRO B 59 -8.42 2.16 11.87
CA PRO B 59 -9.86 1.98 11.90
C PRO B 59 -10.53 2.21 10.54
N LEU B 60 -11.83 2.01 10.49
CA LEU B 60 -12.61 2.29 9.29
C LEU B 60 -12.67 3.78 9.03
N SER B 61 -12.62 4.17 7.76
CA SER B 61 -12.88 5.54 7.37
C SER B 61 -14.36 5.79 7.54
N SER B 62 -14.79 7.04 7.41
CA SER B 62 -16.22 7.34 7.43
C SER B 62 -16.95 6.57 6.32
N CYS B 63 -16.30 6.48 5.17
CA CYS B 63 -16.82 5.73 4.03
C CYS B 63 -16.96 4.26 4.40
N GLY B 64 -15.96 3.74 5.09
CA GLY B 64 -15.99 2.36 5.57
C GLY B 64 -17.14 2.09 6.53
N ILE B 65 -17.47 3.07 7.36
CA ILE B 65 -18.63 2.97 8.24
C ILE B 65 -19.90 2.93 7.41
N PHE B 66 -20.03 3.87 6.48
CA PHE B 66 -21.15 3.88 5.55
C PHE B 66 -21.31 2.56 4.78
N GLN B 67 -20.20 2.04 4.24
CA GLN B 67 -20.23 0.79 3.48
C GLN B 67 -20.72 -0.37 4.34
N SER B 68 -20.19 -0.44 5.55
CA SER B 68 -20.58 -1.46 6.51
C SER B 68 -22.06 -1.36 6.86
N ARG B 69 -22.57 -0.14 7.06
CA ARG B 69 -23.95 0.05 7.46
C ARG B 69 -24.93 -0.32 6.35
N ILE B 70 -24.67 0.13 5.13
CA ILE B 70 -25.56 -0.15 4.01
C ILE B 70 -25.56 -1.63 3.61
N ALA B 71 -24.43 -2.31 3.84
CA ALA B 71 -24.35 -3.75 3.64
C ALA B 71 -25.14 -4.49 4.71
N GLY B 72 -24.99 -4.08 5.96
CA GLY B 72 -25.71 -4.69 7.06
C GLY B 72 -27.20 -4.45 6.96
N ASP B 73 -27.56 -3.29 6.45
CA ASP B 73 -28.95 -2.92 6.25
C ASP B 73 -29.61 -3.86 5.25
N ALA B 74 -28.91 -4.17 4.17
CA ALA B 74 -29.41 -5.06 3.11
C ALA B 74 -29.49 -6.53 3.55
N LEU B 75 -28.61 -6.93 4.47
CA LEU B 75 -28.67 -8.28 5.06
C LEU B 75 -29.94 -8.47 5.87
N LEU B 76 -30.29 -7.44 6.64
CA LEU B 76 -31.54 -7.42 7.39
C LEU B 76 -32.74 -7.61 6.45
N ASP B 77 -32.75 -6.88 5.34
CA ASP B 77 -33.84 -6.98 4.36
C ASP B 77 -33.92 -8.37 3.72
N SER B 78 -32.77 -8.94 3.39
CA SER B 78 -32.71 -10.29 2.80
C SER B 78 -33.32 -11.34 3.72
N GLY B 79 -33.38 -11.05 5.02
CA GLY B 79 -34.10 -11.87 5.98
C GLY B 79 -33.41 -13.15 6.39
N ILE B 80 -32.11 -13.27 6.11
CA ILE B 80 -31.35 -14.43 6.55
C ILE B 80 -31.02 -14.28 8.04
N ARG B 81 -30.82 -15.41 8.70
CA ARG B 81 -30.64 -15.46 10.14
C ARG B 81 -29.16 -15.69 10.46
N ILE B 82 -28.54 -14.74 11.15
CA ILE B 82 -27.15 -14.90 11.59
C ILE B 82 -27.15 -15.43 13.02
N SER B 83 -26.47 -16.55 13.25
CA SER B 83 -26.46 -17.19 14.57
C SER B 83 -25.18 -16.93 15.35
N SER B 84 -24.05 -16.92 14.67
CA SER B 84 -22.76 -16.58 15.29
C SER B 84 -21.95 -15.63 14.44
N VAL B 85 -20.94 -15.01 15.05
CA VAL B 85 -20.06 -14.06 14.37
C VAL B 85 -18.60 -14.21 14.80
N PHE B 86 -17.74 -14.49 13.82
CA PHE B 86 -16.31 -14.55 14.02
C PHE B 86 -15.66 -13.38 13.29
N ALA B 87 -14.52 -12.94 13.79
CA ALA B 87 -13.86 -11.77 13.21
C ALA B 87 -12.36 -11.84 13.41
N SER B 88 -11.63 -11.45 12.39
CA SER B 88 -10.20 -11.22 12.49
C SER B 88 -9.98 -10.17 13.56
N PRO B 89 -8.91 -10.30 14.36
CA PRO B 89 -8.70 -9.38 15.47
C PRO B 89 -8.33 -7.95 15.05
N ALA B 90 -8.07 -7.71 13.77
CA ALA B 90 -7.83 -6.34 13.30
C ALA B 90 -9.05 -5.47 13.60
N LEU B 91 -8.79 -4.23 14.01
CA LEU B 91 -9.84 -3.31 14.43
C LEU B 91 -10.87 -3.10 13.32
N ARG B 92 -10.39 -2.94 12.09
CA ARG B 92 -11.24 -2.69 10.93
C ARG B 92 -12.26 -3.80 10.70
N CYS B 93 -11.85 -5.04 10.95
CA CYS B 93 -12.76 -6.19 10.84
C CYS B 93 -13.78 -6.21 11.99
N VAL B 94 -13.30 -6.04 13.23
CA VAL B 94 -14.17 -6.01 14.41
C VAL B 94 -15.16 -4.86 14.32
N GLN B 95 -14.67 -3.69 13.94
CA GLN B 95 -15.53 -2.53 13.69
C GLN B 95 -16.62 -2.80 12.67
N THR B 96 -16.27 -3.48 11.58
CA THR B 96 -17.24 -3.80 10.54
C THR B 96 -18.28 -4.79 11.08
N ALA B 97 -17.81 -5.76 11.87
CA ALA B 97 -18.68 -6.75 12.50
C ALA B 97 -19.70 -6.12 13.44
N LYS B 98 -19.26 -5.14 14.23
CA LYS B 98 -20.17 -4.43 15.13
C LYS B 98 -21.21 -3.66 14.32
N LEU B 99 -20.76 -2.93 13.32
CA LEU B 99 -21.68 -2.12 12.51
C LEU B 99 -22.73 -2.98 11.80
N ILE B 100 -22.33 -4.14 11.30
CA ILE B 100 -23.28 -5.06 10.68
C ILE B 100 -24.30 -5.57 11.73
N LEU B 101 -23.79 -5.98 12.89
CA LEU B 101 -24.66 -6.49 13.95
C LEU B 101 -25.67 -5.44 14.39
N GLU B 102 -25.22 -4.21 14.57
CA GLU B 102 -26.11 -3.08 14.88
C GLU B 102 -27.24 -2.98 13.86
N GLU B 103 -26.92 -3.08 12.58
CA GLU B 103 -27.95 -3.00 11.54
C GLU B 103 -28.91 -4.19 11.59
N LEU B 104 -28.41 -5.34 12.02
CA LEU B 104 -29.24 -6.54 12.24
C LEU B 104 -29.89 -6.58 13.64
N LYS B 105 -29.58 -5.58 14.47
CA LYS B 105 -30.13 -5.47 15.82
C LYS B 105 -29.75 -6.66 16.70
N LEU B 106 -28.51 -7.13 16.56
CA LEU B 106 -28.01 -8.26 17.32
C LEU B 106 -26.73 -7.96 18.11
N GLU B 107 -26.37 -6.67 18.24
CA GLU B 107 -25.12 -6.29 18.92
C GLU B 107 -25.09 -6.72 20.39
N LYS B 108 -26.28 -6.80 21.01
CA LYS B 108 -26.44 -7.27 22.39
C LYS B 108 -26.66 -8.78 22.51
N LYS B 109 -27.26 -9.38 21.48
CA LYS B 109 -27.59 -10.81 21.49
C LYS B 109 -26.38 -11.70 21.17
N ILE B 110 -25.69 -11.40 20.07
CA ILE B 110 -24.56 -12.22 19.62
C ILE B 110 -23.22 -11.57 19.96
N LYS B 111 -22.38 -12.31 20.66
CA LYS B 111 -21.02 -11.89 21.00
C LYS B 111 -20.08 -12.21 19.85
N ILE B 112 -19.11 -11.32 19.61
CA ILE B 112 -18.18 -11.47 18.50
C ILE B 112 -17.00 -12.36 18.91
N ARG B 113 -16.82 -13.47 18.20
CA ARG B 113 -15.74 -14.40 18.52
C ARG B 113 -14.49 -14.03 17.74
N VAL B 114 -13.53 -13.41 18.43
CA VAL B 114 -12.30 -12.96 17.79
C VAL B 114 -11.40 -14.16 17.53
N GLU B 115 -11.07 -14.39 16.25
CA GLU B 115 -10.24 -15.53 15.85
C GLU B 115 -8.96 -15.08 15.14
N PRO B 116 -7.84 -14.97 15.89
CA PRO B 116 -6.54 -14.61 15.32
C PRO B 116 -6.08 -15.49 14.15
N GLY B 117 -6.56 -16.73 14.09
CA GLY B 117 -6.24 -17.64 12.99
C GLY B 117 -6.71 -17.18 11.62
N ILE B 118 -7.68 -16.27 11.56
CA ILE B 118 -8.14 -15.72 10.27
C ILE B 118 -7.69 -14.26 10.07
N PHE B 119 -6.63 -13.85 10.77
CA PHE B 119 -6.00 -12.57 10.56
C PHE B 119 -5.36 -12.54 9.17
N GLU B 120 -5.08 -11.35 8.66
CA GLU B 120 -4.47 -11.19 7.34
C GLU B 120 -3.13 -11.92 7.26
N TRP B 121 -2.76 -12.31 6.04
CA TRP B 121 -1.45 -12.89 5.76
C TRP B 121 -0.39 -11.91 6.24
N THR B 122 0.56 -12.37 7.06
CA THR B 122 1.53 -11.48 7.69
C THR B 122 2.62 -10.95 6.75
N LYS B 123 2.69 -11.49 5.54
CA LYS B 123 3.51 -10.91 4.49
C LYS B 123 2.90 -9.62 3.91
N TRP B 124 1.61 -9.40 4.18
CA TRP B 124 0.91 -8.19 3.72
C TRP B 124 0.68 -7.13 4.82
N GLU B 125 1.32 -7.31 5.98
CA GLU B 125 1.27 -6.33 7.05
C GLU B 125 2.60 -5.56 7.12
N ALA B 126 2.71 -4.64 8.08
CA ALA B 126 3.90 -3.80 8.23
C ALA B 126 5.22 -4.57 8.26
N GLY B 127 5.41 -5.41 9.28
CA GLY B 127 6.62 -6.20 9.44
C GLY B 127 6.65 -7.40 8.51
N THR B 130 5.37 -10.09 16.30
CA THR B 130 3.91 -10.07 16.31
C THR B 130 3.37 -8.68 15.94
N PRO B 131 2.12 -8.61 15.44
CA PRO B 131 1.48 -7.34 15.12
C PRO B 131 0.76 -6.73 16.32
N THR B 132 0.60 -5.41 16.30
CA THR B 132 0.16 -4.64 17.47
C THR B 132 -1.35 -4.35 17.44
N LEU B 133 -2.12 -5.24 18.04
CA LEU B 133 -3.57 -5.17 17.99
C LEU B 133 -4.17 -4.74 19.32
N MET B 134 -5.48 -4.52 19.33
CA MET B 134 -6.20 -4.28 20.57
C MET B 134 -6.48 -5.60 21.26
N SER B 135 -6.27 -5.62 22.57
CA SER B 135 -6.56 -6.79 23.39
C SER B 135 -8.07 -6.93 23.56
N LEU B 136 -8.51 -8.10 24.02
CA LEU B 136 -9.94 -8.36 24.20
C LEU B 136 -10.56 -7.50 25.29
N GLU B 137 -9.77 -7.19 26.32
CA GLU B 137 -10.21 -6.25 27.37
C GLU B 137 -10.34 -4.84 26.79
N GLU B 138 -9.38 -4.43 25.97
CA GLU B 138 -9.43 -3.13 25.29
C GLU B 138 -10.65 -3.00 24.36
N LEU B 139 -11.03 -4.10 23.73
CA LEU B 139 -12.22 -4.12 22.87
C LEU B 139 -13.48 -4.03 23.69
N LYS B 140 -13.54 -4.82 24.77
CA LYS B 140 -14.64 -4.75 25.73
C LYS B 140 -14.74 -3.33 26.27
N GLU B 141 -13.60 -2.78 26.68
CA GLU B 141 -13.52 -1.39 27.15
C GLU B 141 -14.05 -0.41 26.10
N ALA B 142 -13.70 -0.64 24.84
CA ALA B 142 -14.13 0.24 23.74
C ALA B 142 -15.57 0.01 23.29
N ASN B 143 -16.35 -0.71 24.09
CA ASN B 143 -17.77 -0.95 23.84
C ASN B 143 -18.04 -1.98 22.73
N PHE B 144 -17.17 -2.97 22.62
CA PHE B 144 -17.37 -4.09 21.70
C PHE B 144 -17.84 -5.32 22.45
N ASN B 145 -18.92 -5.95 21.97
CA ASN B 145 -19.47 -7.13 22.61
C ASN B 145 -18.70 -8.40 22.24
N ILE B 146 -17.58 -8.62 22.91
CA ILE B 146 -16.68 -9.74 22.63
C ILE B 146 -17.04 -10.97 23.46
N ASP B 147 -16.83 -12.16 22.89
CA ASP B 147 -16.96 -13.42 23.63
C ASP B 147 -15.61 -13.81 24.21
N THR B 148 -15.39 -13.48 25.48
CA THR B 148 -14.14 -13.78 26.16
C THR B 148 -13.95 -15.29 26.43
N ASP B 149 -15.05 -16.01 26.58
CA ASP B 149 -15.00 -17.46 26.84
C ASP B 149 -14.40 -18.23 25.65
N TYR B 150 -14.60 -17.74 24.44
CA TYR B 150 -14.13 -18.39 23.22
C TYR B 150 -12.63 -18.71 23.26
N ARG B 151 -12.31 -20.00 23.09
CA ARG B 151 -10.93 -20.44 22.95
C ARG B 151 -10.62 -20.47 21.45
N PRO B 152 -9.73 -19.59 20.98
CA PRO B 152 -9.48 -19.51 19.54
C PRO B 152 -8.52 -20.59 19.07
N ALA B 153 -8.72 -21.06 17.84
CA ALA B 153 -7.85 -22.07 17.24
C ALA B 153 -6.40 -21.60 17.19
N PHE B 154 -6.20 -20.30 17.05
CA PHE B 154 -4.87 -19.70 17.08
C PHE B 154 -4.87 -18.46 17.97
N PRO B 155 -3.81 -18.25 18.77
CA PRO B 155 -3.66 -17.05 19.57
C PRO B 155 -2.80 -15.98 18.89
N LEU B 156 -2.90 -14.74 19.37
CA LEU B 156 -2.18 -13.60 18.80
C LEU B 156 -0.68 -13.86 18.65
N SER B 157 -0.09 -14.50 19.65
CA SER B 157 1.34 -14.77 19.67
C SER B 157 1.80 -15.68 18.53
N ALA B 158 0.94 -16.63 18.14
CA ALA B 158 1.26 -17.57 17.07
C ALA B 158 1.47 -16.93 15.70
N LEU B 159 0.97 -15.70 15.50
CA LEU B 159 1.13 -14.99 14.22
C LEU B 159 2.53 -14.39 14.05
N MET B 160 3.41 -15.16 13.39
CA MET B 160 4.82 -14.76 13.19
C MET B 160 5.00 -14.04 11.84
N PRO B 161 5.85 -12.99 11.81
CA PRO B 161 6.07 -12.22 10.58
C PRO B 161 6.62 -13.04 9.41
N ALA B 162 6.25 -12.63 8.19
CA ALA B 162 6.74 -13.24 6.95
C ALA B 162 6.46 -14.74 6.85
N GLU B 163 5.25 -15.14 7.24
CA GLU B 163 4.80 -16.51 7.04
C GLU B 163 4.58 -16.75 5.55
N SER B 164 4.74 -18.01 5.13
CA SER B 164 4.54 -18.40 3.74
C SER B 164 3.05 -18.46 3.40
N TYR B 165 2.77 -18.38 2.10
CA TYR B 165 1.43 -18.60 1.58
C TYR B 165 0.81 -19.86 2.17
N GLN B 166 1.53 -20.97 2.05
CA GLN B 166 1.07 -22.25 2.59
C GLN B 166 0.81 -22.20 4.09
N GLU B 167 1.71 -21.56 4.83
CA GLU B 167 1.55 -21.43 6.30
C GLU B 167 0.30 -20.61 6.66
N TYR B 168 -0.03 -19.64 5.81
CA TYR B 168 -1.25 -18.85 5.98
C TYR B 168 -2.50 -19.65 5.66
N MET B 169 -2.48 -20.40 4.56
CA MET B 169 -3.60 -21.27 4.20
C MET B 169 -3.83 -22.31 5.28
N ASP B 170 -2.76 -22.93 5.77
CA ASP B 170 -2.86 -23.98 6.78
C ASP B 170 -3.59 -23.51 8.04
N ARG B 171 -3.26 -22.32 8.55
CA ARG B 171 -3.91 -21.82 9.77
C ARG B 171 -5.37 -21.37 9.54
N CYS B 172 -5.69 -20.98 8.30
CA CYS B 172 -7.07 -20.66 7.93
C CYS B 172 -7.94 -21.90 7.89
N THR B 173 -7.44 -22.98 7.28
CA THR B 173 -8.19 -24.23 7.19
C THR B 173 -8.31 -24.81 8.59
N ALA B 174 -7.21 -24.76 9.34
CA ALA B 174 -7.21 -25.20 10.73
C ALA B 174 -8.27 -24.45 11.54
N SER B 175 -8.36 -23.13 11.33
CA SER B 175 -9.36 -22.31 12.01
C SER B 175 -10.78 -22.64 11.57
N MET B 176 -10.96 -22.94 10.28
CA MET B 176 -12.30 -23.29 9.78
C MET B 176 -12.80 -24.62 10.34
N VAL B 177 -11.89 -25.54 10.64
CA VAL B 177 -12.25 -26.80 11.30
C VAL B 177 -12.93 -26.47 12.63
N GLN B 178 -12.26 -25.65 13.43
CA GLN B 178 -12.79 -25.18 14.72
C GLN B 178 -14.11 -24.43 14.54
N ILE B 179 -14.09 -23.40 13.70
CA ILE B 179 -15.25 -22.51 13.52
C ILE B 179 -16.52 -23.31 13.23
N VAL B 180 -16.41 -24.30 12.36
CA VAL B 180 -17.55 -25.15 12.01
C VAL B 180 -18.07 -25.97 13.20
N ASN B 181 -17.15 -26.46 14.04
CA ASN B 181 -17.53 -27.28 15.21
C ASN B 181 -18.21 -26.49 16.33
N THR B 182 -17.67 -25.31 16.64
CA THR B 182 -18.29 -24.42 17.63
C THR B 182 -19.70 -24.07 17.16
N CYS B 183 -20.70 -24.57 17.89
CA CYS B 183 -22.11 -24.50 17.49
C CYS B 183 -22.33 -25.29 16.20
N THR B 187 -28.03 -23.95 13.18
CA THR B 187 -28.15 -24.06 11.73
C THR B 187 -28.42 -22.71 11.02
N GLY B 188 -27.99 -21.61 11.64
CA GLY B 188 -28.09 -20.30 11.03
C GLY B 188 -26.83 -19.97 10.25
N VAL B 189 -26.74 -18.73 9.78
CA VAL B 189 -25.56 -18.27 9.04
C VAL B 189 -24.44 -17.92 10.01
N ILE B 190 -23.26 -18.51 9.80
CA ILE B 190 -22.04 -18.08 10.49
C ILE B 190 -21.46 -16.92 9.70
N LEU B 191 -21.30 -15.76 10.35
CA LEU B 191 -20.74 -14.59 9.71
C LEU B 191 -19.26 -14.49 10.04
N ILE B 192 -18.43 -14.33 9.01
CA ILE B 192 -16.99 -14.14 9.20
C ILE B 192 -16.59 -12.80 8.59
N VAL B 193 -16.32 -11.81 9.45
CA VAL B 193 -15.90 -10.49 9.01
C VAL B 193 -14.39 -10.39 9.14
N SER B 194 -13.73 -10.31 7.99
CA SER B 194 -12.28 -10.47 7.94
C SER B 194 -11.69 -9.67 6.77
N HIS B 195 -10.74 -10.26 6.04
CA HIS B 195 -10.02 -9.55 4.98
C HIS B 195 -10.31 -10.15 3.62
N GLY B 196 -9.90 -9.44 2.57
CA GLY B 196 -10.12 -9.89 1.20
C GLY B 196 -9.67 -11.32 1.00
N SER B 197 -8.43 -11.61 1.40
CA SER B 197 -7.85 -12.94 1.31
C SER B 197 -8.74 -14.02 1.93
N THR B 198 -9.39 -13.67 3.03
CA THR B 198 -10.28 -14.60 3.75
C THR B 198 -11.41 -15.19 2.90
N LEU B 199 -11.92 -14.43 1.94
CA LEU B 199 -12.99 -14.92 1.08
C LEU B 199 -12.58 -16.19 0.30
N ASP B 200 -11.30 -16.31 -0.01
CA ASP B 200 -10.79 -17.51 -0.65
C ASP B 200 -10.22 -18.49 0.36
N SER B 201 -9.32 -18.00 1.22
CA SER B 201 -8.62 -18.85 2.17
C SER B 201 -9.55 -19.65 3.11
N CYS B 202 -10.71 -19.11 3.43
CA CYS B 202 -11.65 -19.79 4.35
C CYS B 202 -12.77 -20.56 3.65
N THR B 203 -12.94 -20.38 2.35
CA THR B 203 -13.99 -21.09 1.63
C THR B 203 -13.48 -22.32 0.89
N ARG B 204 -12.23 -22.29 0.43
CA ARG B 204 -11.65 -23.44 -0.26
C ARG B 204 -11.74 -24.72 0.59
N PRO B 205 -11.20 -24.69 1.83
CA PRO B 205 -11.29 -25.90 2.65
C PRO B 205 -12.72 -26.39 2.92
N LEU B 206 -13.68 -25.46 3.06
CA LEU B 206 -15.09 -25.85 3.19
C LEU B 206 -15.53 -26.69 2.01
N LEU B 207 -15.18 -26.24 0.81
CA LEU B 207 -15.53 -26.94 -0.41
C LEU B 207 -14.72 -28.22 -0.60
N GLY B 208 -13.67 -28.41 0.21
CA GLY B 208 -12.82 -29.59 0.12
C GLY B 208 -11.71 -29.41 -0.88
N LEU B 209 -11.47 -28.17 -1.31
CA LEU B 209 -10.47 -27.88 -2.31
C LEU B 209 -9.16 -27.50 -1.63
N PRO B 210 -8.03 -27.80 -2.30
CA PRO B 210 -6.73 -27.41 -1.77
C PRO B 210 -6.50 -25.94 -2.09
N PRO B 211 -5.48 -25.32 -1.46
CA PRO B 211 -5.20 -23.93 -1.79
C PRO B 211 -4.96 -23.73 -3.28
N ARG B 212 -5.36 -22.59 -3.81
CA ARG B 212 -5.04 -22.22 -5.18
C ARG B 212 -3.55 -22.02 -5.30
N GLU B 213 -3.05 -21.96 -6.54
CA GLU B 213 -1.72 -21.45 -6.82
C GLU B 213 -1.70 -19.99 -6.34
N CYS B 214 -0.61 -19.56 -5.72
CA CYS B 214 -0.49 -18.22 -5.13
C CYS B 214 -0.93 -17.09 -6.08
N GLY B 215 -0.42 -17.11 -7.30
CA GLY B 215 -0.78 -16.13 -8.32
C GLY B 215 -2.27 -16.07 -8.65
N ASP B 216 -2.90 -17.23 -8.81
CA ASP B 216 -4.35 -17.31 -9.03
C ASP B 216 -5.11 -16.75 -7.82
N PHE B 217 -4.65 -17.12 -6.64
CA PHE B 217 -5.18 -16.59 -5.38
C PHE B 217 -5.08 -15.06 -5.35
N ALA B 218 -3.88 -14.54 -5.60
CA ALA B 218 -3.63 -13.10 -5.50
C ALA B 218 -4.42 -12.30 -6.55
N GLN B 219 -4.40 -12.79 -7.78
CA GLN B 219 -5.18 -12.21 -8.87
C GLN B 219 -6.66 -12.06 -8.51
N LEU B 220 -7.18 -13.06 -7.79
CA LEU B 220 -8.58 -13.08 -7.37
C LEU B 220 -8.83 -12.09 -6.22
N VAL B 221 -7.89 -12.03 -5.28
CA VAL B 221 -7.99 -11.13 -4.12
C VAL B 221 -7.94 -9.64 -4.52
N ARG B 222 -7.17 -9.30 -5.55
CA ARG B 222 -7.15 -7.94 -6.09
C ARG B 222 -8.57 -7.41 -6.35
N LYS B 223 -9.44 -8.28 -6.86
CA LYS B 223 -10.76 -7.85 -7.34
C LYS B 223 -11.85 -7.76 -6.27
N ILE B 224 -11.51 -8.04 -5.02
CA ILE B 224 -12.47 -8.03 -3.90
C ILE B 224 -12.58 -6.63 -3.32
N PRO B 225 -13.75 -5.99 -3.47
CA PRO B 225 -13.95 -4.63 -2.97
C PRO B 225 -14.34 -4.61 -1.50
N SER B 226 -14.54 -3.41 -0.97
CA SER B 226 -14.96 -3.25 0.42
C SER B 226 -16.35 -3.83 0.61
N LEU B 227 -16.51 -4.61 1.68
CA LEU B 227 -17.75 -5.33 1.97
C LEU B 227 -18.08 -6.45 0.97
N GLY B 228 -17.07 -6.88 0.22
CA GLY B 228 -17.23 -7.98 -0.72
C GLY B 228 -17.50 -9.26 0.04
N MET B 229 -18.27 -10.17 -0.58
CA MET B 229 -18.77 -11.34 0.10
C MET B 229 -18.57 -12.64 -0.64
N CYS B 230 -18.48 -13.72 0.12
CA CYS B 230 -18.45 -15.07 -0.43
C CYS B 230 -19.33 -15.95 0.45
N PHE B 231 -20.26 -16.69 -0.18
CA PHE B 231 -21.34 -17.38 0.53
C PHE B 231 -21.38 -18.88 0.18
N CYS B 232 -21.05 -19.73 1.15
CA CYS B 232 -21.14 -21.19 1.00
C CYS B 232 -22.31 -21.77 1.81
N GLU B 233 -23.22 -22.48 1.12
CA GLU B 233 -24.30 -23.22 1.79
C GLU B 233 -23.91 -24.69 1.96
N GLU B 234 -24.29 -25.26 3.11
CA GLU B 234 -24.06 -26.68 3.38
C GLU B 234 -25.23 -27.51 2.89
N ASN B 235 -24.95 -28.50 2.04
CA ASN B 235 -25.90 -29.55 1.72
C ASN B 235 -25.68 -30.71 2.70
N LYS B 236 -26.50 -30.74 3.76
CA LYS B 236 -26.36 -31.73 4.82
C LYS B 236 -26.61 -33.14 4.30
N GLU B 237 -27.58 -33.28 3.40
CA GLU B 237 -27.90 -34.56 2.75
C GLU B 237 -26.66 -35.16 2.07
N GLU B 238 -25.93 -34.34 1.33
CA GLU B 238 -24.77 -34.80 0.55
C GLU B 238 -23.43 -34.64 1.28
N GLY B 239 -23.45 -33.98 2.44
CA GLY B 239 -22.24 -33.72 3.22
C GLY B 239 -21.21 -32.88 2.46
N LYS B 240 -21.70 -32.03 1.56
CA LYS B 240 -20.85 -31.19 0.72
C LYS B 240 -21.28 -29.74 0.83
N TRP B 241 -20.33 -28.82 0.64
CA TRP B 241 -20.59 -27.38 0.61
C TRP B 241 -20.52 -26.90 -0.84
N GLU B 242 -21.24 -25.82 -1.14
CA GLU B 242 -21.24 -25.25 -2.49
C GLU B 242 -21.38 -23.73 -2.44
N LEU B 243 -20.64 -23.05 -3.32
CA LEU B 243 -20.76 -21.60 -3.43
C LEU B 243 -22.13 -21.23 -3.97
N VAL B 244 -22.66 -20.14 -3.44
CA VAL B 244 -24.00 -19.66 -3.75
C VAL B 244 -23.93 -18.16 -3.94
N ASN B 245 -24.84 -17.63 -4.75
CA ASN B 245 -24.99 -16.19 -4.92
C ASN B 245 -25.16 -15.53 -3.54
N PRO B 246 -24.30 -14.56 -3.21
CA PRO B 246 -24.41 -13.85 -1.92
C PRO B 246 -25.80 -13.28 -1.66
N PRO B 247 -26.20 -13.18 -0.39
CA PRO B 247 -27.58 -12.81 -0.08
C PRO B 247 -27.91 -11.35 -0.37
N VAL B 248 -26.91 -10.48 -0.40
CA VAL B 248 -27.11 -9.08 -0.80
C VAL B 248 -26.32 -8.72 -2.05
N LYS B 249 -26.73 -7.62 -2.68
CA LYS B 249 -26.13 -7.15 -3.92
C LYS B 249 -24.78 -6.46 -3.69
N THR B 250 -24.08 -6.20 -4.79
CA THR B 250 -22.83 -5.47 -4.77
C THR B 250 -23.02 -3.99 -4.40
N LEU B 251 -21.92 -3.31 -4.08
CA LEU B 251 -21.95 -1.90 -3.74
C LEU B 251 -20.90 -1.18 -4.57
N THR B 252 -21.35 -0.43 -5.57
CA THR B 252 -20.46 0.23 -6.51
C THR B 252 -20.64 1.72 -6.38
N HIS B 253 -19.58 2.43 -5.99
CA HIS B 253 -19.62 3.89 -5.92
C HIS B 253 -18.30 4.54 -6.25
N GLY B 254 -18.35 5.83 -6.54
CA GLY B 254 -17.19 6.58 -6.98
C GLY B 254 -16.34 7.10 -5.84
N ALA B 255 -15.25 7.75 -6.21
CA ALA B 255 -14.35 8.40 -5.27
C ALA B 255 -14.78 9.84 -5.01
N ASN B 256 -14.16 10.46 -4.02
CA ASN B 256 -14.29 11.88 -3.76
C ASN B 256 -12.90 12.45 -3.48
N ALA B 257 -12.53 13.50 -4.21
CA ALA B 257 -11.24 14.11 -4.08
C ALA B 257 -11.32 15.30 -3.13
N ALA B 258 -10.17 15.73 -2.61
CA ALA B 258 -10.11 16.97 -1.84
C ALA B 258 -10.03 18.14 -2.80
N PHE B 259 -10.54 19.29 -2.37
CA PHE B 259 -10.45 20.52 -3.13
C PHE B 259 -9.83 21.53 -2.21
N ASN B 260 -9.21 22.56 -2.79
CA ASN B 260 -8.59 23.64 -2.03
C ASN B 260 -9.31 24.93 -2.38
N TRP B 261 -9.93 25.52 -1.37
CA TRP B 261 -10.76 26.71 -1.54
C TRP B 261 -9.97 27.96 -1.99
N ARG B 262 -8.67 27.99 -1.70
CA ARG B 262 -7.83 29.13 -2.07
C ARG B 262 -7.70 29.29 -3.59
N ASN B 263 -7.90 28.20 -4.32
CA ASN B 263 -7.93 28.25 -5.78
C ASN B 263 -8.95 29.26 -6.33
N TRP B 264 -9.98 29.59 -5.56
CA TRP B 264 -11.04 30.50 -6.01
C TRP B 264 -10.65 31.97 -5.93
N ILE B 265 -9.68 32.29 -5.10
CA ILE B 265 -9.22 33.68 -4.95
C ILE B 265 -8.45 34.11 -6.19
#